data_6SYK
#
_entry.id   6SYK
#
_entity_poly.entity_id   1
_entity_poly.type   'polydeoxyribonucleotide'
_entity_poly.pdbx_seq_one_letter_code
;(DG)(DC)(DG)(DG)(DA)(DG)(DG)(DG)(DG)(DA)(DG)(DG)(DC)(DG)
;
_entity_poly.pdbx_strand_id   A,B
#